data_8VXE
#
_entry.id   8VXE
#
_cell.length_a   66.124
_cell.length_b   74.341
_cell.length_c   78.029
_cell.angle_alpha   90.00
_cell.angle_beta   90.00
_cell.angle_gamma   90.00
#
_symmetry.space_group_name_H-M   'P 21 21 21'
#
loop_
_entity.id
_entity.type
_entity.pdbx_description
1 polymer 'Mitogen-activated protein kinase 14'
2 non-polymer (4M)-4-[3-(4-fluorophenyl)-1-methyl-1H-pyrazol-4-yl]-1H-pyrrolo[2,3-b]pyridine
3 water water
#
_entity_poly.entity_id   1
_entity_poly.type   'polypeptide(L)'
_entity_poly.pdbx_seq_one_letter_code
;MSYYHHHHHHDYDIPTTENLYFQGAMDPSQERPTFYRQELNKTIWEVPERYQNLSPVGSGAYGSVCAAFDTKTGLRVAVK
KLSRPFQSIIHAKRTYRELRLLKHMKHENVIGLLDVFTPARSLEEFNDVYLVTHLMGADLNNIVKCQKLTDDHVQFLIYQ
ILRGLKYIHSADIIHRDLKPSNLAVNEDCELKILDFGLARHTDDEMTGYVATRWYRAPEIMLNWMHYNQTVDIWSVGCIM
AELLTGRTLFPGTDHIDQLKLILRLVGTPGAELLKKISSESARNYIQSLTQMPKMNFANVFIGANPLAVDLLEKMLVLDS
DKRITAAQALAHAYFAQYHDPDDEPVADPYDQSFESRDLLIDEWKSLTYDEVISFVPPPLDQEEMES
;
_entity_poly.pdbx_strand_id   A
#
loop_
_chem_comp.id
_chem_comp.type
_chem_comp.name
_chem_comp.formula
A1AD9 non-polymer (4M)-4-[3-(4-fluorophenyl)-1-methyl-1H-pyrazol-4-yl]-1H-pyrrolo[2,3-b]pyridine 'C17 H13 F N4'
#
# COMPACT_ATOMS: atom_id res chain seq x y z
N PRO A 33 -4.06 -10.09 -31.05
CA PRO A 33 -5.50 -9.73 -31.23
C PRO A 33 -5.74 -8.29 -31.72
N THR A 34 -6.99 -7.95 -32.02
CA THR A 34 -7.34 -6.66 -32.71
C THR A 34 -7.48 -5.55 -31.67
N PHE A 35 -6.80 -4.41 -31.89
CA PHE A 35 -6.86 -3.26 -30.95
C PHE A 35 -7.84 -2.23 -31.50
N TYR A 36 -8.42 -1.39 -30.63
CA TYR A 36 -9.30 -0.27 -31.08
C TYR A 36 -8.87 1.02 -30.34
N ARG A 37 -8.79 2.13 -31.08
CA ARG A 37 -8.31 3.44 -30.56
C ARG A 37 -9.52 4.23 -30.01
N GLN A 38 -9.27 5.22 -29.15
CA GLN A 38 -10.34 5.99 -28.45
C GLN A 38 -9.69 7.11 -27.61
N GLU A 39 -10.34 8.28 -27.56
CA GLU A 39 -9.91 9.42 -26.69
C GLU A 39 -10.80 9.44 -25.45
N LEU A 40 -10.22 9.68 -24.27
CA LEU A 40 -11.01 9.79 -23.02
C LEU A 40 -10.38 10.87 -22.12
N ASN A 41 -11.05 12.03 -22.01
CA ASN A 41 -10.59 13.19 -21.19
C ASN A 41 -9.14 13.57 -21.56
N LYS A 42 -8.85 13.68 -22.87
CA LYS A 42 -7.53 14.10 -23.44
C LYS A 42 -6.56 12.91 -23.56
N THR A 43 -6.64 11.91 -22.66
CA THR A 43 -5.74 10.72 -22.71
C THR A 43 -6.17 9.82 -23.88
N ILE A 44 -5.19 9.32 -24.65
CA ILE A 44 -5.46 8.38 -25.78
C ILE A 44 -5.36 6.94 -25.24
N TRP A 45 -6.24 6.03 -25.71
CA TRP A 45 -6.29 4.61 -25.25
C TRP A 45 -6.32 3.64 -26.45
N GLU A 46 -5.40 2.68 -26.48
CA GLU A 46 -5.29 1.65 -27.54
C GLU A 46 -5.35 0.27 -26.87
N VAL A 47 -6.53 -0.33 -26.81
CA VAL A 47 -6.77 -1.58 -26.02
C VAL A 47 -7.32 -2.67 -26.95
N PRO A 48 -7.04 -3.97 -26.66
CA PRO A 48 -7.64 -5.08 -27.39
C PRO A 48 -9.18 -5.13 -27.39
N GLU A 49 -9.74 -5.84 -28.37
CA GLU A 49 -11.22 -5.89 -28.57
C GLU A 49 -11.90 -6.44 -27.31
N ARG A 50 -11.27 -7.40 -26.61
CA ARG A 50 -11.90 -8.05 -25.42
C ARG A 50 -12.32 -7.01 -24.35
N TYR A 51 -11.61 -5.88 -24.23
CA TYR A 51 -11.99 -4.80 -23.27
C TYR A 51 -12.93 -3.81 -23.99
N GLN A 52 -14.18 -3.70 -23.51
CA GLN A 52 -15.22 -2.81 -24.08
C GLN A 52 -15.78 -1.88 -23.00
N ASN A 53 -16.49 -0.82 -23.42
CA ASN A 53 -17.24 0.11 -22.54
C ASN A 53 -16.27 0.79 -21.56
N LEU A 54 -15.19 1.37 -22.11
CA LEU A 54 -14.24 2.19 -21.32
C LEU A 54 -15.02 3.40 -20.77
N SER A 55 -14.45 4.05 -19.77
CA SER A 55 -15.20 4.90 -18.82
C SER A 55 -14.20 5.41 -17.79
N PRO A 56 -13.61 6.61 -17.97
CA PRO A 56 -12.67 7.17 -17.00
C PRO A 56 -13.10 7.02 -15.53
N VAL A 57 -12.20 6.49 -14.70
CA VAL A 57 -12.40 6.38 -13.22
C VAL A 57 -11.70 7.55 -12.51
N GLY A 58 -10.49 7.88 -12.96
CA GLY A 58 -9.65 8.94 -12.37
C GLY A 58 -8.30 8.98 -13.07
N SER A 59 -7.49 10.01 -12.82
CA SER A 59 -6.13 10.06 -13.42
C SER A 59 -5.23 10.97 -12.57
N GLY A 60 -3.98 11.14 -13.00
CA GLY A 60 -2.98 11.94 -12.27
C GLY A 60 -1.62 11.80 -12.90
N ALA A 61 -0.54 12.00 -12.12
CA ALA A 61 0.84 12.04 -12.66
C ALA A 61 1.27 10.64 -13.13
N TYR A 62 1.02 9.60 -12.32
CA TYR A 62 1.47 8.21 -12.61
C TYR A 62 0.67 7.61 -13.78
N GLY A 63 -0.65 7.84 -13.81
CA GLY A 63 -1.43 7.55 -15.04
C GLY A 63 -2.93 7.58 -14.83
N SER A 64 -3.67 7.38 -15.92
CA SER A 64 -5.17 7.28 -15.89
C SER A 64 -5.59 5.81 -15.73
N VAL A 65 -6.63 5.56 -14.92
CA VAL A 65 -7.35 4.26 -14.88
C VAL A 65 -8.66 4.42 -15.64
N CYS A 66 -9.09 3.38 -16.39
CA CYS A 66 -10.48 3.28 -16.92
C CYS A 66 -11.17 2.03 -16.37
N ALA A 67 -12.46 2.15 -16.04
CA ALA A 67 -13.31 0.95 -15.84
C ALA A 67 -13.62 0.37 -17.23
N ALA A 68 -13.79 -0.95 -17.34
CA ALA A 68 -14.10 -1.62 -18.62
C ALA A 68 -14.80 -2.97 -18.36
N PHE A 69 -15.44 -3.52 -19.41
CA PHE A 69 -16.02 -4.89 -19.35
C PHE A 69 -15.10 -5.82 -20.13
N ASP A 70 -14.66 -6.90 -19.47
CA ASP A 70 -13.79 -7.91 -20.11
C ASP A 70 -14.71 -8.95 -20.75
N THR A 71 -14.85 -8.92 -22.09
CA THR A 71 -15.75 -9.84 -22.83
C THR A 71 -15.34 -11.31 -22.60
N LYS A 72 -14.04 -11.56 -22.48
CA LYS A 72 -13.52 -12.94 -22.36
C LYS A 72 -13.99 -13.58 -21.04
N THR A 73 -14.01 -12.83 -19.93
CA THR A 73 -14.23 -13.41 -18.57
C THR A 73 -15.59 -12.99 -17.97
N GLY A 74 -16.30 -12.04 -18.58
CA GLY A 74 -17.52 -11.47 -17.96
C GLY A 74 -17.21 -10.44 -16.87
N LEU A 75 -15.93 -10.12 -16.63
CA LEU A 75 -15.52 -9.34 -15.42
C LEU A 75 -15.57 -7.86 -15.75
N ARG A 76 -16.00 -7.03 -14.78
CA ARG A 76 -15.64 -5.58 -14.79
C ARG A 76 -14.16 -5.49 -14.39
N VAL A 77 -13.39 -4.70 -15.12
CA VAL A 77 -11.93 -4.61 -14.85
C VAL A 77 -11.53 -3.13 -14.76
N ALA A 78 -10.45 -2.85 -14.03
CA ALA A 78 -9.76 -1.55 -14.16
C ALA A 78 -8.57 -1.75 -15.12
N VAL A 79 -8.40 -0.82 -16.05
CA VAL A 79 -7.25 -0.78 -17.00
C VAL A 79 -6.45 0.50 -16.71
N LYS A 80 -5.22 0.37 -16.19
CA LYS A 80 -4.33 1.54 -15.90
C LYS A 80 -3.37 1.75 -17.08
N LYS A 81 -3.43 2.93 -17.71
CA LYS A 81 -2.41 3.33 -18.71
C LYS A 81 -1.32 4.18 -18.03
N LEU A 82 -0.06 3.79 -18.20
CA LEU A 82 1.05 4.52 -17.55
C LEU A 82 1.31 5.80 -18.35
N SER A 83 1.56 6.90 -17.64
CA SER A 83 1.93 8.17 -18.32
C SER A 83 3.42 8.12 -18.67
N ARG A 84 3.76 8.10 -19.95
CA ARG A 84 5.16 8.28 -20.43
C ARG A 84 6.10 7.35 -19.65
N PRO A 85 5.90 6.02 -19.78
CA PRO A 85 6.65 5.04 -18.97
C PRO A 85 8.17 5.07 -19.22
N PHE A 86 8.62 5.55 -20.38
CA PHE A 86 10.07 5.51 -20.71
C PHE A 86 10.57 6.92 -21.05
N GLN A 87 10.04 7.93 -20.36
CA GLN A 87 10.45 9.35 -20.55
C GLN A 87 11.92 9.53 -20.12
N SER A 88 12.34 8.84 -19.05
CA SER A 88 13.66 9.02 -18.41
C SER A 88 14.13 7.68 -17.83
N ILE A 89 15.32 7.65 -17.25
CA ILE A 89 15.79 6.42 -16.55
C ILE A 89 14.88 6.19 -15.32
N ILE A 90 14.55 7.27 -14.60
CA ILE A 90 13.71 7.24 -13.38
C ILE A 90 12.38 6.59 -13.75
N HIS A 91 11.73 7.10 -14.81
CA HIS A 91 10.40 6.62 -15.27
C HIS A 91 10.52 5.18 -15.75
N ALA A 92 11.56 4.86 -16.52
CA ALA A 92 11.75 3.50 -17.07
C ALA A 92 11.90 2.49 -15.93
N LYS A 93 12.69 2.84 -14.92
CA LYS A 93 12.91 1.93 -13.77
C LYS A 93 11.61 1.80 -12.93
N ARG A 94 10.93 2.92 -12.68
CA ARG A 94 9.61 2.94 -11.98
C ARG A 94 8.60 2.03 -12.71
N THR A 95 8.53 2.14 -14.04
CA THR A 95 7.63 1.29 -14.87
C THR A 95 7.99 -0.18 -14.67
N TYR A 96 9.28 -0.50 -14.75
CA TYR A 96 9.76 -1.90 -14.57
C TYR A 96 9.40 -2.40 -13.18
N ARG A 97 9.68 -1.58 -12.17
CA ARG A 97 9.39 -1.87 -10.73
C ARG A 97 7.91 -2.16 -10.55
N GLU A 98 7.04 -1.29 -11.08
CA GLU A 98 5.57 -1.52 -10.94
C GLU A 98 5.16 -2.84 -11.64
N LEU A 99 5.59 -3.06 -12.88
CA LEU A 99 5.13 -4.28 -13.59
C LEU A 99 5.66 -5.52 -12.84
N ARG A 100 6.92 -5.51 -12.40
CA ARG A 100 7.48 -6.72 -11.72
C ARG A 100 6.68 -7.01 -10.45
N LEU A 101 6.36 -5.95 -9.70
CA LEU A 101 5.69 -6.11 -8.40
C LEU A 101 4.27 -6.67 -8.64
N LEU A 102 3.54 -6.08 -9.58
CA LEU A 102 2.16 -6.52 -9.93
C LEU A 102 2.12 -7.94 -10.49
N LYS A 103 3.09 -8.34 -11.30
CA LYS A 103 3.20 -9.73 -11.79
C LYS A 103 3.46 -10.69 -10.63
N HIS A 104 4.09 -10.22 -9.56
CA HIS A 104 4.43 -11.13 -8.45
C HIS A 104 3.26 -11.27 -7.47
N MET A 105 2.44 -10.23 -7.30
CA MET A 105 1.46 -10.21 -6.18
C MET A 105 0.29 -11.14 -6.51
N LYS A 106 0.18 -12.28 -5.80
CA LYS A 106 -0.89 -13.27 -6.05
C LYS A 106 -1.53 -13.63 -4.70
N HIS A 107 -2.49 -12.82 -4.30
CA HIS A 107 -3.10 -12.91 -2.95
C HIS A 107 -4.44 -12.18 -2.99
N GLU A 108 -5.44 -12.73 -2.27
CA GLU A 108 -6.82 -12.19 -2.24
C GLU A 108 -6.85 -10.75 -1.73
N ASN A 109 -5.89 -10.35 -0.91
CA ASN A 109 -5.93 -9.00 -0.28
C ASN A 109 -4.82 -8.08 -0.84
N VAL A 110 -4.22 -8.42 -1.99
CA VAL A 110 -3.26 -7.53 -2.71
C VAL A 110 -3.69 -7.45 -4.18
N ILE A 111 -3.70 -6.23 -4.71
CA ILE A 111 -3.96 -6.00 -6.16
C ILE A 111 -2.91 -6.76 -6.96
N GLY A 112 -3.38 -7.54 -7.93
CA GLY A 112 -2.50 -8.25 -8.89
C GLY A 112 -2.99 -8.06 -10.31
N LEU A 113 -2.49 -8.85 -11.24
CA LEU A 113 -2.68 -8.57 -12.70
C LEU A 113 -3.57 -9.62 -13.35
N LEU A 114 -4.66 -9.18 -13.98
CA LEU A 114 -5.41 -10.09 -14.89
C LEU A 114 -4.68 -10.14 -16.23
N ASP A 115 -4.11 -9.00 -16.62
CA ASP A 115 -3.52 -8.85 -17.97
C ASP A 115 -2.54 -7.67 -17.98
N VAL A 116 -1.59 -7.72 -18.91
CA VAL A 116 -0.68 -6.58 -19.23
C VAL A 116 -0.49 -6.59 -20.75
N PHE A 117 -0.59 -5.43 -21.40
CA PHE A 117 -0.50 -5.44 -22.88
C PHE A 117 0.05 -4.11 -23.38
N THR A 118 0.60 -4.21 -24.59
CA THR A 118 0.99 -3.02 -25.39
C THR A 118 0.39 -3.18 -26.78
N PRO A 119 -0.08 -2.08 -27.42
CA PRO A 119 -0.39 -2.13 -28.86
C PRO A 119 0.82 -2.24 -29.79
N ALA A 120 2.03 -2.45 -29.26
CA ALA A 120 3.27 -2.54 -30.06
C ALA A 120 3.49 -3.98 -30.56
N ARG A 121 4.08 -4.11 -31.76
CA ARG A 121 4.35 -5.44 -32.39
C ARG A 121 5.81 -5.88 -32.13
N SER A 122 6.72 -4.94 -31.84
CA SER A 122 8.14 -5.27 -31.53
C SER A 122 8.71 -4.34 -30.46
N LEU A 123 9.91 -4.67 -29.97
CA LEU A 123 10.67 -3.79 -29.06
C LEU A 123 10.82 -2.38 -29.66
N GLU A 124 11.22 -2.26 -30.93
CA GLU A 124 11.52 -0.92 -31.54
C GLU A 124 10.30 0.02 -31.42
N GLU A 125 9.08 -0.50 -31.53
CA GLU A 125 7.82 0.29 -31.51
C GLU A 125 7.34 0.62 -30.08
N PHE A 126 7.79 -0.16 -29.07
CA PHE A 126 7.17 -0.23 -27.72
C PHE A 126 7.30 1.09 -26.94
N ASN A 127 6.17 1.74 -26.63
CA ASN A 127 6.20 3.00 -25.82
C ASN A 127 4.96 3.14 -24.93
N ASP A 128 4.04 2.16 -24.90
CA ASP A 128 2.83 2.24 -24.06
C ASP A 128 2.67 0.92 -23.30
N VAL A 129 2.26 1.02 -22.03
CA VAL A 129 2.04 -0.17 -21.15
C VAL A 129 0.65 0.00 -20.55
N TYR A 130 -0.16 -1.05 -20.64
CA TYR A 130 -1.48 -1.04 -19.99
C TYR A 130 -1.54 -2.20 -19.02
N LEU A 131 -2.15 -1.95 -17.84
CA LEU A 131 -2.19 -2.93 -16.73
C LEU A 131 -3.66 -3.19 -16.42
N VAL A 132 -4.02 -4.45 -16.19
CA VAL A 132 -5.45 -4.81 -15.99
C VAL A 132 -5.59 -5.53 -14.66
N THR A 133 -6.65 -5.21 -13.92
CA THR A 133 -6.99 -5.88 -12.65
C THR A 133 -8.51 -5.83 -12.42
N HIS A 134 -8.98 -6.62 -11.45
CA HIS A 134 -10.42 -6.68 -11.07
C HIS A 134 -10.87 -5.30 -10.60
N LEU A 135 -11.89 -4.73 -11.23
CA LEU A 135 -12.40 -3.38 -10.85
C LEU A 135 -12.81 -3.43 -9.38
N MET A 136 -12.35 -2.47 -8.57
CA MET A 136 -12.85 -2.34 -7.17
C MET A 136 -13.73 -1.07 -7.13
N GLY A 137 -14.68 -1.03 -6.20
CA GLY A 137 -15.73 0.01 -6.17
C GLY A 137 -15.22 1.35 -5.66
N ALA A 138 -14.59 1.36 -4.48
CA ALA A 138 -14.32 2.59 -3.72
C ALA A 138 -13.03 2.41 -2.89
N ASP A 139 -12.55 3.47 -2.24
CA ASP A 139 -11.38 3.33 -1.32
C ASP A 139 -11.91 3.34 0.12
N LEU A 140 -11.03 3.06 1.09
CA LEU A 140 -11.45 3.02 2.52
C LEU A 140 -11.78 4.44 3.01
N ASN A 141 -11.19 5.46 2.38
CA ASN A 141 -11.53 6.88 2.64
C ASN A 141 -13.00 7.15 2.27
N ASN A 142 -13.50 6.54 1.18
CA ASN A 142 -14.88 6.78 0.69
C ASN A 142 -15.92 6.12 1.60
N ILE A 143 -15.63 4.90 2.10
CA ILE A 143 -16.58 4.16 3.00
C ILE A 143 -16.86 5.00 4.26
N VAL A 144 -15.92 5.84 4.70
CA VAL A 144 -16.22 6.90 5.71
C VAL A 144 -16.59 8.19 4.95
N LYS A 148 -17.23 6.51 10.49
CA LYS A 148 -17.10 5.60 11.66
C LYS A 148 -17.77 4.25 11.35
N LEU A 149 -17.02 3.16 11.49
CA LEU A 149 -17.53 1.79 11.20
C LEU A 149 -17.82 1.08 12.53
N THR A 150 -18.63 0.01 12.48
CA THR A 150 -18.90 -0.83 13.68
C THR A 150 -17.68 -1.71 13.98
N ASP A 151 -17.63 -2.34 15.16
CA ASP A 151 -16.43 -3.10 15.58
C ASP A 151 -16.23 -4.32 14.67
N ASP A 152 -17.31 -5.03 14.33
CA ASP A 152 -17.18 -6.21 13.44
C ASP A 152 -16.64 -5.77 12.07
N HIS A 153 -17.08 -4.63 11.53
CA HIS A 153 -16.54 -4.15 10.22
C HIS A 153 -15.05 -3.86 10.38
N VAL A 154 -14.66 -3.22 11.49
CA VAL A 154 -13.23 -2.86 11.73
C VAL A 154 -12.41 -4.17 11.82
N GLN A 155 -12.90 -5.19 12.52
CA GLN A 155 -12.20 -6.49 12.62
C GLN A 155 -11.92 -7.05 11.23
N PHE A 156 -12.89 -6.97 10.32
CA PHE A 156 -12.78 -7.69 9.03
C PHE A 156 -11.85 -6.91 8.09
N LEU A 157 -12.00 -5.59 8.07
CA LEU A 157 -11.12 -4.71 7.24
C LEU A 157 -9.67 -4.77 7.74
N ILE A 158 -9.41 -4.59 9.04
CA ILE A 158 -7.99 -4.63 9.54
C ILE A 158 -7.46 -6.07 9.36
N TYR A 159 -8.30 -7.09 9.56
CA TYR A 159 -7.86 -8.48 9.31
C TYR A 159 -7.35 -8.63 7.87
N GLN A 160 -8.11 -8.08 6.93
CA GLN A 160 -7.76 -8.28 5.50
C GLN A 160 -6.45 -7.54 5.23
N ILE A 161 -6.32 -6.32 5.75
CA ILE A 161 -5.04 -5.56 5.56
C ILE A 161 -3.86 -6.39 6.08
N LEU A 162 -4.00 -6.95 7.29
CA LEU A 162 -2.86 -7.63 7.96
C LEU A 162 -2.53 -8.90 7.20
N ARG A 163 -3.56 -9.57 6.64
CA ARG A 163 -3.35 -10.82 5.88
C ARG A 163 -2.61 -10.48 4.58
N GLY A 164 -3.00 -9.41 3.91
CA GLY A 164 -2.25 -8.89 2.75
C GLY A 164 -0.83 -8.49 3.13
N LEU A 165 -0.65 -7.83 4.27
CA LEU A 165 0.70 -7.34 4.69
C LEU A 165 1.58 -8.52 5.08
N LYS A 166 1.05 -9.56 5.73
CA LYS A 166 1.84 -10.78 6.01
C LYS A 166 2.46 -11.30 4.70
N TYR A 167 1.62 -11.41 3.68
CA TYR A 167 2.07 -11.88 2.36
C TYR A 167 3.13 -10.93 1.78
N ILE A 168 2.84 -9.62 1.78
CA ILE A 168 3.79 -8.62 1.20
C ILE A 168 5.14 -8.69 1.95
N HIS A 169 5.08 -8.62 3.29
CA HIS A 169 6.30 -8.67 4.14
C HIS A 169 7.09 -9.99 3.97
N SER A 170 6.39 -11.10 3.75
CA SER A 170 7.07 -12.41 3.55
C SER A 170 7.97 -12.40 2.31
N ALA A 171 7.69 -11.53 1.34
CA ALA A 171 8.54 -11.35 0.14
C ALA A 171 9.67 -10.33 0.38
N ASP A 172 9.86 -9.85 1.61
CA ASP A 172 10.85 -8.78 1.92
C ASP A 172 10.51 -7.50 1.14
N ILE A 173 9.21 -7.19 0.96
CA ILE A 173 8.71 -5.89 0.40
C ILE A 173 8.16 -5.07 1.59
N ILE A 174 8.45 -3.78 1.60
CA ILE A 174 7.85 -2.82 2.58
C ILE A 174 6.90 -1.96 1.76
N HIS A 175 5.65 -1.82 2.20
CA HIS A 175 4.72 -0.99 1.41
C HIS A 175 5.20 0.48 1.44
N ARG A 176 5.42 1.06 2.64
CA ARG A 176 5.89 2.46 2.90
C ARG A 176 4.79 3.51 2.75
N ASP A 177 3.66 3.19 2.14
CA ASP A 177 2.71 4.27 1.78
C ASP A 177 1.30 3.81 2.13
N LEU A 178 1.13 3.05 3.21
CA LEU A 178 -0.21 2.50 3.55
C LEU A 178 -1.06 3.67 4.08
N LYS A 179 -2.23 3.83 3.47
CA LYS A 179 -3.17 4.90 3.88
C LYS A 179 -4.54 4.53 3.31
N PRO A 180 -5.64 5.17 3.77
CA PRO A 180 -6.99 4.78 3.32
C PRO A 180 -7.17 4.73 1.78
N SER A 181 -6.57 5.71 1.10
CA SER A 181 -6.60 5.84 -0.40
C SER A 181 -5.92 4.66 -1.12
N ASN A 182 -5.02 3.93 -0.45
CA ASN A 182 -4.31 2.76 -1.05
C ASN A 182 -5.02 1.46 -0.64
N LEU A 183 -6.23 1.54 -0.06
CA LEU A 183 -7.02 0.32 0.27
C LEU A 183 -8.30 0.29 -0.57
N ALA A 184 -8.35 -0.62 -1.54
CA ALA A 184 -9.54 -0.78 -2.40
C ALA A 184 -10.53 -1.67 -1.66
N VAL A 185 -11.79 -1.23 -1.55
CA VAL A 185 -12.82 -2.03 -0.84
C VAL A 185 -14.05 -2.09 -1.75
N ASN A 186 -14.68 -3.24 -1.86
CA ASN A 186 -15.92 -3.38 -2.69
C ASN A 186 -17.10 -3.42 -1.69
N GLU A 187 -18.34 -3.54 -2.17
CA GLU A 187 -19.56 -3.42 -1.30
C GLU A 187 -19.67 -4.60 -0.34
N ASP A 188 -19.07 -5.75 -0.71
CA ASP A 188 -18.96 -6.93 0.18
C ASP A 188 -17.94 -6.73 1.34
N CYS A 189 -17.30 -5.56 1.47
CA CYS A 189 -16.21 -5.32 2.45
C CYS A 189 -14.96 -6.14 2.10
N GLU A 190 -14.82 -6.67 0.88
CA GLU A 190 -13.58 -7.37 0.50
C GLU A 190 -12.53 -6.28 0.25
N LEU A 191 -11.32 -6.44 0.80
CA LEU A 191 -10.31 -5.35 0.79
C LEU A 191 -9.11 -5.81 -0.04
N LYS A 192 -8.53 -4.88 -0.80
CA LYS A 192 -7.26 -5.18 -1.48
C LYS A 192 -6.32 -3.99 -1.27
N ILE A 193 -5.07 -4.32 -0.98
CA ILE A 193 -4.00 -3.31 -0.87
C ILE A 193 -3.57 -2.94 -2.30
N LEU A 194 -3.50 -1.63 -2.52
CA LEU A 194 -2.96 -1.00 -3.76
C LEU A 194 -1.52 -0.57 -3.52
N VAL A 210 -6.78 13.59 2.40
CA VAL A 210 -5.95 12.51 3.02
C VAL A 210 -4.47 12.84 2.77
N ALA A 211 -3.80 13.42 3.77
CA ALA A 211 -2.34 13.67 3.71
C ALA A 211 -1.58 12.37 4.02
N THR A 212 -0.53 12.07 3.25
CA THR A 212 0.29 10.85 3.44
C THR A 212 0.97 10.84 4.82
N ARG A 213 1.49 12.01 5.27
CA ARG A 213 2.29 12.06 6.53
C ARG A 213 1.48 11.54 7.74
N TRP A 214 0.15 11.63 7.70
CA TRP A 214 -0.73 11.30 8.87
C TRP A 214 -0.60 9.83 9.27
N TYR A 215 -0.19 8.97 8.32
CA TYR A 215 -0.11 7.51 8.55
C TYR A 215 1.35 7.05 8.61
N ARG A 216 2.30 7.98 8.69
CA ARG A 216 3.74 7.67 8.56
C ARG A 216 4.37 7.49 9.95
N ALA A 217 5.10 6.38 10.10
CA ALA A 217 5.84 6.00 11.31
C ALA A 217 6.83 7.10 11.69
N PRO A 218 7.07 7.33 13.01
CA PRO A 218 7.89 8.45 13.45
C PRO A 218 9.34 8.36 12.93
N GLU A 219 9.87 7.14 12.74
CA GLU A 219 11.22 6.95 12.15
C GLU A 219 11.32 7.49 10.70
N ILE A 220 10.21 7.63 9.98
CA ILE A 220 10.22 8.22 8.60
C ILE A 220 10.07 9.73 8.69
N MET A 221 9.39 10.26 9.71
CA MET A 221 9.33 11.73 9.91
C MET A 221 10.74 12.29 10.08
N LEU A 222 11.60 11.61 10.85
CA LEU A 222 13.01 12.08 11.09
C LEU A 222 13.98 11.41 10.11
N ASN A 223 13.48 10.76 9.05
CA ASN A 223 14.28 10.44 7.84
C ASN A 223 15.32 9.36 8.20
N TRP A 224 14.90 8.36 8.98
CA TRP A 224 15.77 7.19 9.29
C TRP A 224 15.98 6.39 8.01
N MET A 225 17.20 5.95 7.73
CA MET A 225 17.50 5.29 6.43
C MET A 225 17.41 3.76 6.57
N HIS A 226 17.24 3.23 7.79
CA HIS A 226 17.26 1.75 8.04
C HIS A 226 15.94 1.27 8.67
N TYR A 227 14.82 1.92 8.37
CA TYR A 227 13.52 1.48 8.94
C TYR A 227 13.17 0.07 8.47
N ASN A 228 12.33 -0.64 9.22
CA ASN A 228 11.99 -2.05 8.91
C ASN A 228 10.52 -2.14 8.41
N GLN A 229 10.02 -3.36 8.23
CA GLN A 229 8.64 -3.58 7.72
C GLN A 229 7.55 -3.06 8.68
N THR A 230 7.84 -2.87 9.98
CA THR A 230 6.75 -2.43 10.91
C THR A 230 6.45 -0.93 10.74
N VAL A 231 7.13 -0.20 9.84
CA VAL A 231 6.54 1.11 9.41
C VAL A 231 5.11 0.85 8.92
N ASP A 232 4.88 -0.32 8.28
CA ASP A 232 3.54 -0.62 7.71
C ASP A 232 2.56 -0.92 8.84
N ILE A 233 3.04 -1.55 9.92
CA ILE A 233 2.17 -1.85 11.09
C ILE A 233 1.75 -0.53 11.73
N TRP A 234 2.65 0.47 11.80
CA TRP A 234 2.28 1.81 12.33
C TRP A 234 1.13 2.39 11.51
N SER A 235 1.23 2.33 10.18
CA SER A 235 0.17 2.83 9.28
C SER A 235 -1.15 2.07 9.56
N VAL A 236 -1.09 0.76 9.73
CA VAL A 236 -2.32 -0.04 10.04
C VAL A 236 -2.93 0.45 11.36
N GLY A 237 -2.10 0.67 12.38
CA GLY A 237 -2.58 1.20 13.66
C GLY A 237 -3.31 2.53 13.50
N CYS A 238 -2.74 3.46 12.71
CA CYS A 238 -3.35 4.79 12.42
C CYS A 238 -4.69 4.61 11.68
N ILE A 239 -4.73 3.71 10.71
CA ILE A 239 -5.99 3.40 9.95
C ILE A 239 -7.05 2.82 10.91
N MET A 240 -6.69 1.79 11.67
CA MET A 240 -7.59 1.14 12.65
C MET A 240 -8.15 2.18 13.64
N ALA A 241 -7.30 3.07 14.19
CA ALA A 241 -7.77 4.19 15.04
C ALA A 241 -8.91 4.95 14.34
N GLU A 242 -8.63 5.39 13.11
CA GLU A 242 -9.53 6.28 12.34
C GLU A 242 -10.86 5.56 12.03
N LEU A 243 -10.87 4.24 11.84
CA LEU A 243 -12.13 3.49 11.54
C LEU A 243 -12.96 3.32 12.83
N LEU A 244 -12.30 3.18 13.99
CA LEU A 244 -12.99 3.02 15.30
C LEU A 244 -13.60 4.35 15.75
N THR A 245 -12.90 5.47 15.54
CA THR A 245 -13.26 6.79 16.13
C THR A 245 -13.97 7.71 15.11
N GLY A 246 -13.68 7.54 13.83
CA GLY A 246 -14.15 8.47 12.79
C GLY A 246 -13.28 9.70 12.62
N ARG A 247 -12.10 9.77 13.26
CA ARG A 247 -11.16 10.91 13.10
C ARG A 247 -9.73 10.42 12.78
N THR A 248 -9.02 11.19 11.95
CA THR A 248 -7.55 11.02 11.77
C THR A 248 -6.90 10.99 13.16
N LEU A 249 -6.11 9.96 13.47
CA LEU A 249 -5.43 9.86 14.79
C LEU A 249 -4.39 10.98 14.94
N PHE A 250 -3.63 11.26 13.88
CA PHE A 250 -2.51 12.22 13.96
C PHE A 250 -2.52 13.13 12.74
N PRO A 251 -3.48 14.08 12.65
CA PRO A 251 -3.57 14.96 11.48
C PRO A 251 -2.54 16.08 11.56
N GLY A 252 -1.26 15.76 11.39
CA GLY A 252 -0.21 16.79 11.46
C GLY A 252 -0.31 17.77 10.31
N THR A 253 0.02 19.05 10.56
CA THR A 253 0.04 20.09 9.50
C THR A 253 1.36 20.04 8.72
N ASP A 254 2.40 19.43 9.30
CA ASP A 254 3.69 19.18 8.60
C ASP A 254 4.44 18.08 9.36
N HIS A 255 5.67 17.77 8.95
CA HIS A 255 6.49 16.68 9.56
C HIS A 255 6.83 16.99 11.02
N ILE A 256 7.03 18.26 11.38
CA ILE A 256 7.33 18.64 12.80
C ILE A 256 6.05 18.46 13.62
N ASP A 257 4.97 19.10 13.20
CA ASP A 257 3.66 18.94 13.88
C ASP A 257 3.30 17.44 13.94
N GLN A 258 3.57 16.69 12.86
CA GLN A 258 3.19 15.26 12.82
C GLN A 258 3.89 14.52 13.98
N LEU A 259 5.21 14.67 14.12
CA LEU A 259 5.92 14.00 15.24
C LEU A 259 5.40 14.47 16.60
N LYS A 260 5.05 15.76 16.76
CA LYS A 260 4.59 16.26 18.08
C LYS A 260 3.24 15.58 18.44
N LEU A 261 2.35 15.41 17.47
CA LEU A 261 1.05 14.73 17.76
C LEU A 261 1.32 13.27 18.14
N ILE A 262 2.26 12.61 17.44
CA ILE A 262 2.58 11.18 17.75
C ILE A 262 3.06 11.07 19.21
N LEU A 263 4.08 11.85 19.57
CA LEU A 263 4.68 11.74 20.93
C LEU A 263 3.67 12.11 22.01
N ARG A 264 2.74 13.03 21.72
CA ARG A 264 1.60 13.35 22.64
C ARG A 264 0.84 12.06 23.04
N LEU A 265 0.67 11.09 22.12
CA LEU A 265 -0.08 9.85 22.47
C LEU A 265 0.86 8.78 23.06
N VAL A 266 1.95 8.51 22.35
CA VAL A 266 2.81 7.32 22.67
C VAL A 266 3.94 7.71 23.63
N GLY A 267 4.08 9.00 23.95
CA GLY A 267 5.13 9.46 24.89
C GLY A 267 6.48 9.62 24.21
N THR A 268 7.32 10.55 24.70
CA THR A 268 8.71 10.75 24.18
C THR A 268 9.52 9.50 24.50
N PRO A 269 10.62 9.19 23.77
CA PRO A 269 11.28 7.90 23.96
C PRO A 269 11.96 7.72 25.33
N GLY A 270 11.96 6.51 25.85
CA GLY A 270 12.82 6.16 27.00
C GLY A 270 14.26 6.01 26.55
N ALA A 271 15.15 5.71 27.49
CA ALA A 271 16.61 5.61 27.18
C ALA A 271 16.91 4.37 26.33
N GLU A 272 16.07 3.32 26.39
CA GLU A 272 16.27 2.10 25.56
C GLU A 272 16.17 2.43 24.07
N LEU A 273 15.28 3.34 23.68
CA LEU A 273 15.10 3.73 22.26
C LEU A 273 16.13 4.80 21.90
N LEU A 274 16.35 5.78 22.79
CA LEU A 274 17.28 6.93 22.54
C LEU A 274 18.69 6.42 22.19
N LYS A 275 19.11 5.31 22.81
CA LYS A 275 20.48 4.76 22.59
C LYS A 275 20.56 3.98 21.27
N LYS A 276 19.47 3.89 20.50
CA LYS A 276 19.53 3.31 19.12
C LYS A 276 19.46 4.42 18.07
N ILE A 277 19.38 5.70 18.47
CA ILE A 277 19.34 6.82 17.48
C ILE A 277 20.79 7.26 17.17
N SER A 278 21.30 6.90 15.99
CA SER A 278 22.70 7.20 15.60
C SER A 278 22.87 8.70 15.32
N SER A 279 21.88 9.31 14.67
CA SER A 279 21.89 10.76 14.34
C SER A 279 21.95 11.61 15.62
N GLU A 280 22.99 12.44 15.75
CA GLU A 280 23.17 13.36 16.91
C GLU A 280 22.17 14.51 16.89
N SER A 281 21.81 15.02 15.71
CA SER A 281 20.83 16.15 15.60
C SER A 281 19.43 15.66 15.99
N ALA A 282 19.09 14.44 15.60
CA ALA A 282 17.77 13.84 15.89
C ALA A 282 17.66 13.53 17.41
N ARG A 283 18.72 12.97 18.00
CA ARG A 283 18.76 12.70 19.47
C ARG A 283 18.65 14.02 20.22
N ASN A 284 19.45 15.02 19.83
CA ASN A 284 19.38 16.39 20.43
C ASN A 284 17.96 16.92 20.32
N TYR A 285 17.35 16.82 19.14
CA TYR A 285 15.97 17.35 18.92
C TYR A 285 14.94 16.63 19.79
N ILE A 286 14.93 15.29 19.75
CA ILE A 286 13.92 14.48 20.51
C ILE A 286 14.15 14.66 22.02
N GLN A 287 15.40 14.65 22.48
CA GLN A 287 15.71 14.83 23.93
C GLN A 287 15.37 16.26 24.39
N SER A 288 15.37 17.25 23.47
CA SER A 288 15.07 18.67 23.78
C SER A 288 13.57 18.98 23.77
N LEU A 289 12.70 18.08 23.26
CA LEU A 289 11.22 18.30 23.34
C LEU A 289 10.78 18.18 24.82
N THR A 290 9.67 18.84 25.17
CA THR A 290 9.09 18.66 26.53
C THR A 290 8.59 17.21 26.60
N GLN A 291 9.02 16.49 27.63
CA GLN A 291 8.82 15.02 27.74
C GLN A 291 7.37 14.76 28.19
N MET A 292 6.66 13.89 27.47
CA MET A 292 5.24 13.54 27.79
C MET A 292 5.21 12.05 28.04
N PRO A 293 4.38 11.53 28.99
CA PRO A 293 4.29 10.08 29.23
C PRO A 293 3.49 9.36 28.13
N LYS A 294 3.70 8.04 28.00
CA LYS A 294 2.75 7.18 27.24
C LYS A 294 1.35 7.33 27.82
N MET A 295 0.37 7.71 26.98
CA MET A 295 -1.04 7.84 27.46
C MET A 295 -1.61 6.43 27.62
N ASN A 296 -2.60 6.26 28.51
CA ASN A 296 -3.35 4.98 28.62
C ASN A 296 -4.30 4.91 27.43
N PHE A 297 -4.20 3.85 26.61
CA PHE A 297 -5.02 3.74 25.38
C PHE A 297 -6.49 3.44 25.75
N ALA A 298 -6.71 2.69 26.84
CA ALA A 298 -8.07 2.47 27.41
C ALA A 298 -8.80 3.82 27.60
N ASN A 299 -8.09 4.86 28.03
CA ASN A 299 -8.66 6.22 28.25
C ASN A 299 -8.91 6.92 26.91
N VAL A 300 -7.97 6.83 25.98
CA VAL A 300 -8.06 7.61 24.71
C VAL A 300 -9.13 6.99 23.80
N PHE A 301 -9.26 5.66 23.80
CA PHE A 301 -10.22 4.97 22.90
C PHE A 301 -11.41 4.47 23.72
N ILE A 302 -11.80 5.24 24.75
CA ILE A 302 -13.01 4.99 25.61
C ILE A 302 -14.16 4.44 24.75
N GLY A 303 -14.69 3.28 25.13
CA GLY A 303 -15.87 2.71 24.46
C GLY A 303 -15.54 1.59 23.48
N ALA A 304 -14.29 1.49 23.02
CA ALA A 304 -13.95 0.49 21.98
C ALA A 304 -13.77 -0.90 22.58
N ASN A 305 -13.81 -1.93 21.74
CA ASN A 305 -13.49 -3.29 22.18
C ASN A 305 -12.12 -3.25 22.88
N PRO A 306 -11.98 -3.74 24.13
CA PRO A 306 -10.67 -3.75 24.79
C PRO A 306 -9.61 -4.53 23.98
N LEU A 307 -10.02 -5.51 23.17
CA LEU A 307 -9.08 -6.26 22.30
C LEU A 307 -8.58 -5.36 21.17
N ALA A 308 -9.44 -4.50 20.62
CA ALA A 308 -9.03 -3.46 19.65
C ALA A 308 -8.01 -2.52 20.30
N VAL A 309 -8.24 -2.17 21.57
CA VAL A 309 -7.34 -1.25 22.33
C VAL A 309 -5.99 -1.92 22.53
N ASP A 310 -6.02 -3.18 22.95
CA ASP A 310 -4.79 -3.97 23.19
C ASP A 310 -3.98 -4.04 21.89
N LEU A 311 -4.65 -4.38 20.77
CA LEU A 311 -3.97 -4.46 19.46
C LEU A 311 -3.37 -3.10 19.10
N LEU A 312 -4.15 -2.01 19.22
CA LEU A 312 -3.60 -0.65 18.93
C LEU A 312 -2.32 -0.35 19.74
N GLU A 313 -2.29 -0.73 21.02
CA GLU A 313 -1.09 -0.53 21.88
C GLU A 313 0.08 -1.33 21.31
N LYS A 314 -0.21 -2.51 20.77
CA LYS A 314 0.87 -3.39 20.22
C LYS A 314 1.39 -2.85 18.87
N MET A 315 0.57 -2.08 18.13
CA MET A 315 0.96 -1.54 16.80
C MET A 315 1.63 -0.18 16.93
N LEU A 316 1.19 0.67 17.88
CA LEU A 316 1.70 2.07 17.93
C LEU A 316 2.76 2.22 19.04
N VAL A 317 3.61 1.21 19.19
CA VAL A 317 4.82 1.33 20.06
C VAL A 317 5.81 2.21 19.32
N LEU A 318 6.47 3.12 20.04
CA LEU A 318 7.39 4.08 19.36
C LEU A 318 8.62 3.32 18.84
N ASP A 319 9.21 2.47 19.68
CA ASP A 319 10.35 1.60 19.28
C ASP A 319 9.89 0.63 18.20
N SER A 320 10.38 0.79 16.96
CA SER A 320 10.00 -0.09 15.83
C SER A 320 10.41 -1.55 16.11
N ASP A 321 11.43 -1.80 16.92
CA ASP A 321 11.83 -3.21 17.24
C ASP A 321 10.80 -3.90 18.15
N LYS A 322 9.86 -3.18 18.76
CA LYS A 322 8.89 -3.77 19.72
C LYS A 322 7.49 -3.87 19.11
N ARG A 323 7.29 -3.30 17.91
CA ARG A 323 5.96 -3.36 17.25
C ARG A 323 5.59 -4.77 16.84
N ILE A 324 4.31 -5.02 16.85
CA ILE A 324 3.82 -6.37 16.51
C ILE A 324 4.04 -6.53 15.00
N THR A 325 4.34 -7.74 14.57
CA THR A 325 4.44 -8.05 13.12
C THR A 325 3.04 -8.31 12.57
N ALA A 326 2.90 -8.34 11.25
CA ALA A 326 1.62 -8.66 10.60
C ALA A 326 1.21 -10.09 11.03
N ALA A 327 2.17 -11.01 10.97
CA ALA A 327 1.91 -12.44 11.28
C ALA A 327 1.49 -12.57 12.75
N GLN A 328 2.19 -11.89 13.67
CA GLN A 328 1.77 -11.90 15.10
C GLN A 328 0.38 -11.27 15.26
N ALA A 329 0.09 -10.20 14.53
CA ALA A 329 -1.15 -9.42 14.72
C ALA A 329 -2.36 -10.26 14.30
N LEU A 330 -2.22 -11.09 13.27
CA LEU A 330 -3.31 -12.01 12.81
C LEU A 330 -3.66 -13.05 13.88
N ALA A 331 -2.71 -13.43 14.75
CA ALA A 331 -2.93 -14.41 15.85
C ALA A 331 -3.53 -13.75 17.09
N HIS A 332 -3.75 -12.43 17.04
CA HIS A 332 -4.24 -11.67 18.21
C HIS A 332 -5.71 -12.04 18.42
N ALA A 333 -6.20 -11.93 19.66
CA ALA A 333 -7.57 -12.33 20.04
C ALA A 333 -8.61 -11.49 19.32
N TYR A 334 -8.28 -10.24 18.96
CA TYR A 334 -9.22 -9.35 18.25
C TYR A 334 -9.69 -9.95 16.92
N PHE A 335 -8.93 -10.88 16.32
CA PHE A 335 -9.33 -11.48 15.01
C PHE A 335 -9.76 -12.95 15.18
N ALA A 336 -10.24 -13.34 16.37
CA ALA A 336 -10.66 -14.74 16.64
C ALA A 336 -11.76 -15.21 15.67
N GLN A 337 -12.66 -14.32 15.29
CA GLN A 337 -13.77 -14.68 14.34
C GLN A 337 -13.20 -14.98 12.94
N TYR A 338 -12.02 -14.45 12.57
CA TYR A 338 -11.53 -14.43 11.16
C TYR A 338 -10.21 -15.19 10.99
N HIS A 339 -9.42 -15.37 12.05
CA HIS A 339 -8.02 -15.87 11.91
C HIS A 339 -8.06 -17.36 11.55
N ASP A 340 -7.31 -17.76 10.53
CA ASP A 340 -7.13 -19.19 10.18
C ASP A 340 -5.69 -19.41 9.74
N PRO A 341 -4.82 -20.05 10.56
CA PRO A 341 -3.39 -20.13 10.23
C PRO A 341 -3.06 -20.95 8.98
N ASP A 342 -3.97 -21.83 8.50
CA ASP A 342 -3.70 -22.58 7.25
C ASP A 342 -4.24 -21.81 6.03
N ASP A 343 -4.74 -20.57 6.20
CA ASP A 343 -5.20 -19.76 5.03
C ASP A 343 -4.72 -18.31 5.21
N GLU A 344 -3.45 -18.17 5.56
CA GLU A 344 -2.79 -16.84 5.70
C GLU A 344 -1.44 -16.97 5.00
N PRO A 345 -1.49 -17.17 3.67
CA PRO A 345 -0.34 -17.68 2.94
C PRO A 345 0.79 -16.64 2.87
N VAL A 346 2.01 -17.13 2.69
CA VAL A 346 3.20 -16.28 2.40
C VAL A 346 3.40 -16.23 0.88
N ALA A 347 4.29 -15.36 0.43
CA ALA A 347 4.59 -15.16 -1.01
C ALA A 347 5.81 -15.99 -1.43
N ASP A 348 5.89 -16.31 -2.72
CA ASP A 348 7.15 -16.86 -3.31
C ASP A 348 8.24 -15.81 -3.12
N PRO A 349 9.54 -16.20 -3.04
CA PRO A 349 10.62 -15.21 -2.87
C PRO A 349 10.56 -14.18 -4.01
N TYR A 350 10.93 -12.92 -3.72
CA TYR A 350 10.84 -11.78 -4.69
C TYR A 350 12.21 -11.14 -4.86
N ASP A 351 12.73 -11.18 -6.08
CA ASP A 351 14.06 -10.62 -6.41
C ASP A 351 13.95 -9.13 -6.76
N GLN A 352 14.45 -8.26 -5.87
CA GLN A 352 14.52 -6.81 -6.19
C GLN A 352 15.98 -6.35 -6.22
N SER A 353 16.89 -7.25 -6.62
CA SER A 353 18.31 -6.86 -6.89
C SER A 353 18.37 -5.81 -8.02
N PHE A 354 17.41 -5.84 -8.97
CA PHE A 354 17.33 -4.77 -10.00
C PHE A 354 17.35 -3.38 -9.34
N GLU A 355 16.84 -3.24 -8.11
CA GLU A 355 16.81 -1.92 -7.43
C GLU A 355 18.21 -1.32 -7.25
N SER A 356 19.24 -2.17 -7.14
CA SER A 356 20.65 -1.70 -6.95
C SER A 356 21.34 -1.49 -8.31
N ARG A 357 20.65 -1.60 -9.44
CA ARG A 357 21.30 -1.49 -10.77
C ARG A 357 21.09 -0.11 -11.39
N ASP A 358 22.14 0.40 -12.08
CA ASP A 358 22.08 1.65 -12.88
C ASP A 358 22.21 1.26 -14.35
N LEU A 359 21.10 1.35 -15.12
CA LEU A 359 21.03 0.86 -16.51
C LEU A 359 20.58 1.99 -17.42
N LEU A 360 20.69 1.78 -18.73
CA LEU A 360 20.25 2.78 -19.74
C LEU A 360 18.70 2.74 -19.87
N ILE A 361 18.07 3.80 -20.39
CA ILE A 361 16.59 3.80 -20.62
C ILE A 361 16.21 2.56 -21.42
N ASP A 362 16.92 2.28 -22.50
CA ASP A 362 16.52 1.19 -23.44
C ASP A 362 16.67 -0.16 -22.74
N GLU A 363 17.59 -0.28 -21.77
CA GLU A 363 17.74 -1.54 -21.02
C GLU A 363 16.51 -1.73 -20.12
N TRP A 364 16.13 -0.70 -19.36
CA TRP A 364 14.88 -0.79 -18.56
C TRP A 364 13.69 -1.06 -19.49
N LYS A 365 13.64 -0.39 -20.64
CA LYS A 365 12.54 -0.57 -21.62
C LYS A 365 12.47 -2.03 -22.08
N SER A 366 13.60 -2.64 -22.44
CA SER A 366 13.62 -4.02 -22.99
C SER A 366 13.27 -5.04 -21.91
N LEU A 367 13.79 -4.84 -20.69
CA LEU A 367 13.40 -5.66 -19.52
C LEU A 367 11.88 -5.59 -19.33
N THR A 368 11.31 -4.40 -19.45
CA THR A 368 9.85 -4.24 -19.24
C THR A 368 9.11 -4.99 -20.33
N TYR A 369 9.54 -4.77 -21.58
CA TYR A 369 9.01 -5.51 -22.77
C TYR A 369 9.07 -7.01 -22.49
N ASP A 370 10.23 -7.50 -22.07
CA ASP A 370 10.42 -8.93 -21.68
C ASP A 370 9.34 -9.33 -20.67
N GLU A 371 9.04 -8.48 -19.70
CA GLU A 371 8.05 -8.83 -18.64
C GLU A 371 6.63 -8.85 -19.23
N VAL A 372 6.31 -7.96 -20.19
CA VAL A 372 4.97 -7.99 -20.85
C VAL A 372 4.80 -9.33 -21.58
N ILE A 373 5.83 -9.74 -22.33
CA ILE A 373 5.74 -10.93 -23.23
C ILE A 373 5.67 -12.22 -22.39
N SER A 374 6.42 -12.33 -21.29
CA SER A 374 6.40 -13.57 -20.47
C SER A 374 5.13 -13.66 -19.60
N PHE A 375 4.25 -12.66 -19.63
CA PHE A 375 3.10 -12.64 -18.69
C PHE A 375 2.17 -13.83 -18.98
N VAL A 376 1.83 -14.60 -17.94
CA VAL A 376 0.84 -15.72 -18.03
C VAL A 376 -0.37 -15.30 -17.20
N PRO A 377 -1.58 -15.20 -17.79
CA PRO A 377 -2.77 -14.79 -17.03
C PRO A 377 -3.10 -15.80 -15.93
N PRO A 378 -3.87 -15.42 -14.88
CA PRO A 378 -4.38 -16.40 -13.92
C PRO A 378 -5.53 -17.16 -14.58
N PRO A 379 -5.87 -18.38 -14.11
CA PRO A 379 -6.78 -19.27 -14.85
C PRO A 379 -8.20 -18.71 -15.02
C1 A1AD9 B . -4.56 4.23 -8.21
C3 A1AD9 B . -6.31 2.51 -8.65
C4 A1AD9 B . -6.43 1.38 -9.41
C5 A1AD9 B . -5.18 1.18 -10.05
C7 A1AD9 B . -4.81 0.05 -10.95
C8 A1AD9 B . -3.67 -0.68 -10.61
C12 A1AD9 B . -5.15 -1.39 -12.84
C15 A1AD9 B . -7.59 -0.85 -9.30
C16 A1AD9 B . -8.75 -1.61 -9.21
C18 A1AD9 B . -10.09 0.29 -9.30
C21 A1AD9 B . -10.84 2.41 -9.36
C23 A1AD9 B . -8.96 1.14 -9.38
N2 A1AD9 B . -5.08 3.01 -8.82
N6 A1AD9 B . -4.39 2.16 -9.70
C9 A1AD9 B . -3.28 -1.76 -11.36
C10 A1AD9 B . -4.02 -2.11 -12.49
F11 A1AD9 B . -3.62 -3.18 -13.21
C13 A1AD9 B . -5.56 -0.32 -12.05
C14 A1AD9 B . -7.67 0.55 -9.40
N17 A1AD9 B . -9.95 -1.03 -9.23
N19 A1AD9 B . -11.21 1.09 -9.30
C22 A1AD9 B . -9.50 2.52 -9.43
C1 A1AD9 C . 16.64 8.45 13.22
C3 A1AD9 C . 15.47 6.44 14.27
C4 A1AD9 C . 14.41 6.31 15.13
C5 A1AD9 C . 13.92 7.63 15.36
C7 A1AD9 C . 12.87 8.22 16.24
C8 A1AD9 C . 12.14 9.32 15.83
C12 A1AD9 C . 11.75 8.32 18.37
C15 A1AD9 C . 12.43 4.96 15.79
C16 A1AD9 C . 11.85 3.78 16.21
C18 A1AD9 C . 13.88 2.66 16.25
C21 A1AD9 C . 16.04 2.12 16.09
C23 A1AD9 C . 14.57 3.83 15.84
N2 A1AD9 C . 15.66 7.77 14.06
N6 A1AD9 C . 14.70 8.47 14.74
C9 A1AD9 C . 11.22 9.89 16.66
C10 A1AD9 C . 11.02 9.40 17.93
F11 A1AD9 C . 10.13 9.97 18.74
C13 A1AD9 C . 12.68 7.74 17.53
C14 A1AD9 C . 13.83 5.03 15.61
N17 A1AD9 C . 12.56 2.68 16.41
N19 A1AD9 C . 14.78 1.64 16.39
C22 A1AD9 C . 15.97 3.43 15.75
#